data_7VW2
#
_entry.id   7VW2
#
_cell.length_a   50.446
_cell.length_b   74.412
_cell.length_c   50.786
_cell.angle_alpha   90.000
_cell.angle_beta   96.180
_cell.angle_gamma   90.000
#
_symmetry.space_group_name_H-M   'C 1 2 1'
#
loop_
_entity.id
_entity.type
_entity.pdbx_description
1 polymer 'DUF305 domain-containing protein'
2 non-polymer 'COPPER (II) ION'
3 water water
#
_entity_poly.entity_id   1
_entity_poly.type   'polypeptide(L)'
_entity_poly.pdbx_seq_one_letter_code
;EHSEMKMSDMHSSASSQEYMAGMKNMHEKMMAAVNESNPDKAFAKGMIAHHEGAIAMAETELKYGKDPEMRKLAQDIIKA
QKGEIEQMNKWLDSHK
;
_entity_poly.pdbx_strand_id   A,B
#
loop_
_chem_comp.id
_chem_comp.type
_chem_comp.name
_chem_comp.formula
CU non-polymer 'COPPER (II) ION' 'Cu 2'
#
# COMPACT_ATOMS: atom_id res chain seq x y z
N SER A 12 -1.01 4.73 -22.23
CA SER A 12 -2.06 4.49 -23.23
C SER A 12 -2.40 3.00 -23.35
N SER A 13 -1.45 2.14 -22.96
CA SER A 13 -1.66 0.71 -22.97
C SER A 13 -2.72 0.29 -21.97
N ALA A 14 -3.24 -0.93 -22.16
CA ALA A 14 -4.28 -1.46 -21.29
C ALA A 14 -3.75 -1.76 -19.89
N SER A 15 -2.52 -2.25 -19.79
CA SER A 15 -1.98 -2.56 -18.46
C SER A 15 -1.79 -1.28 -17.66
N SER A 16 -1.15 -0.28 -18.28
CA SER A 16 -1.00 1.03 -17.64
C SER A 16 -2.34 1.65 -17.32
N GLN A 17 -3.34 1.46 -18.18
CA GLN A 17 -4.68 1.98 -17.89
C GLN A 17 -5.28 1.28 -16.68
N GLU A 18 -4.99 -0.01 -16.51
CA GLU A 18 -5.49 -0.76 -15.36
C GLU A 18 -4.74 -0.43 -14.09
N TYR A 19 -3.44 -0.14 -14.19
CA TYR A 19 -2.70 0.32 -13.02
C TYR A 19 -3.25 1.64 -12.51
N MET A 20 -3.57 2.57 -13.43
CA MET A 20 -4.05 3.88 -13.01
C MET A 20 -5.43 3.82 -12.38
N ALA A 21 -6.30 2.95 -12.90
CA ALA A 21 -7.62 2.81 -12.30
C ALA A 21 -7.52 2.30 -10.87
N GLY A 22 -6.62 1.34 -10.63
CA GLY A 22 -6.42 0.87 -9.27
C GLY A 22 -5.84 1.94 -8.37
N MET A 23 -4.92 2.74 -8.90
CA MET A 23 -4.34 3.81 -8.10
C MET A 23 -5.38 4.87 -7.74
N LYS A 24 -6.18 5.31 -8.72
CA LYS A 24 -7.24 6.27 -8.47
C LYS A 24 -8.13 5.83 -7.30
N ASN A 25 -8.62 4.59 -7.35
CA ASN A 25 -9.45 4.08 -6.26
C ASN A 25 -8.69 4.13 -4.94
N MET A 26 -7.42 3.71 -4.96
CA MET A 26 -6.63 3.74 -3.74
C MET A 26 -6.40 5.16 -3.28
N HIS A 27 -6.13 6.07 -4.21
CA HIS A 27 -5.87 7.46 -3.84
C HIS A 27 -7.08 8.10 -3.16
N GLU A 28 -8.27 7.94 -3.73
CA GLU A 28 -9.47 8.54 -3.15
C GLU A 28 -9.70 8.02 -1.74
N LYS A 29 -9.62 6.69 -1.54
CA LYS A 29 -9.81 6.15 -0.20
C LYS A 29 -8.69 6.56 0.73
N MET A 30 -7.47 6.76 0.19
CA MET A 30 -6.37 7.21 1.03
C MET A 30 -6.61 8.61 1.56
N MET A 31 -7.11 9.51 0.70
CA MET A 31 -7.40 10.87 1.15
C MET A 31 -8.49 10.89 2.21
N ALA A 32 -9.51 10.04 2.06
CA ALA A 32 -10.54 9.95 3.09
C ALA A 32 -9.95 9.51 4.41
N ALA A 33 -8.95 8.61 4.37
CA ALA A 33 -8.30 8.16 5.59
C ALA A 33 -7.50 9.28 6.25
N VAL A 34 -6.77 10.06 5.45
CA VAL A 34 -6.03 11.18 6.01
C VAL A 34 -6.98 12.19 6.66
N ASN A 35 -8.22 12.25 6.17
CA ASN A 35 -9.23 13.12 6.74
C ASN A 35 -9.83 12.60 8.03
N GLU A 36 -9.36 11.46 8.54
CA GLU A 36 -9.77 10.99 9.87
C GLU A 36 -8.95 11.69 10.94
N SER A 37 -9.64 12.30 11.91
CA SER A 37 -8.94 12.95 13.02
C SER A 37 -8.40 11.94 14.00
N ASN A 38 -9.12 10.85 14.22
CA ASN A 38 -8.64 9.76 15.08
C ASN A 38 -7.51 9.03 14.36
N PRO A 39 -6.27 9.11 14.86
CA PRO A 39 -5.16 8.51 14.11
C PRO A 39 -5.28 7.00 13.96
N ASP A 40 -5.94 6.33 14.91
CA ASP A 40 -6.13 4.90 14.80
C ASP A 40 -7.13 4.56 13.71
N LYS A 41 -8.18 5.38 13.57
CA LYS A 41 -9.12 5.18 12.47
C LYS A 41 -8.50 5.54 11.13
N ALA A 42 -7.63 6.55 11.10
CA ALA A 42 -6.91 6.85 9.87
C ALA A 42 -6.00 5.68 9.46
N PHE A 43 -5.30 5.11 10.44
CA PHE A 43 -4.43 3.96 10.15
C PHE A 43 -5.24 2.79 9.66
N ALA A 44 -6.37 2.49 10.30
CA ALA A 44 -7.23 1.40 9.87
C ALA A 44 -7.77 1.66 8.46
N LYS A 45 -8.46 2.79 8.28
CA LYS A 45 -8.92 3.16 6.94
C LYS A 45 -7.78 3.20 5.94
N GLY A 46 -6.61 3.73 6.35
CA GLY A 46 -5.49 3.82 5.44
C GLY A 46 -4.98 2.47 4.99
N MET A 47 -4.84 1.53 5.92
CA MET A 47 -4.25 0.25 5.58
C MET A 47 -5.18 -0.58 4.73
N ILE A 48 -6.49 -0.44 4.91
CA ILE A 48 -7.45 -1.09 4.02
C ILE A 48 -7.27 -0.60 2.59
N ALA A 49 -7.23 0.72 2.40
CA ALA A 49 -7.01 1.26 1.06
C ALA A 49 -5.68 0.81 0.49
N HIS A 50 -4.68 0.64 1.37
CA HIS A 50 -3.39 0.15 0.92
C HIS A 50 -3.47 -1.29 0.47
N HIS A 51 -4.16 -2.13 1.24
CA HIS A 51 -4.24 -3.54 0.90
C HIS A 51 -5.06 -3.76 -0.37
N GLU A 52 -6.17 -3.03 -0.51
CA GLU A 52 -6.96 -3.10 -1.73
C GLU A 52 -6.19 -2.57 -2.93
N GLY A 53 -5.28 -1.62 -2.72
CA GLY A 53 -4.42 -1.19 -3.81
C GLY A 53 -3.42 -2.25 -4.22
N ALA A 54 -2.88 -2.99 -3.24
CA ALA A 54 -1.89 -4.02 -3.54
C ALA A 54 -2.54 -5.20 -4.24
N ILE A 55 -3.78 -5.53 -3.87
CA ILE A 55 -4.49 -6.59 -4.56
C ILE A 55 -4.76 -6.18 -6.00
N ALA A 56 -5.12 -4.91 -6.21
CA ALA A 56 -5.39 -4.42 -7.56
C ALA A 56 -4.12 -4.40 -8.42
N MET A 57 -3.00 -3.92 -7.86
CA MET A 57 -1.75 -3.96 -8.60
C MET A 57 -1.36 -5.39 -8.93
N ALA A 58 -1.53 -6.30 -7.97
CA ALA A 58 -1.13 -7.70 -8.18
C ALA A 58 -2.02 -8.39 -9.20
N GLU A 59 -3.33 -8.13 -9.17
CA GLU A 59 -4.20 -8.69 -10.20
C GLU A 59 -3.83 -8.20 -11.59
N THR A 60 -3.49 -6.91 -11.71
CA THR A 60 -3.06 -6.39 -12.99
C THR A 60 -1.73 -7.01 -13.44
N GLU A 61 -0.80 -7.20 -12.50
CA GLU A 61 0.47 -7.85 -12.84
C GLU A 61 0.26 -9.29 -13.27
N LEU A 62 -0.70 -9.99 -12.65
CA LEU A 62 -0.99 -11.36 -13.06
C LEU A 62 -1.65 -11.41 -14.42
N LYS A 63 -2.32 -10.34 -14.83
CA LYS A 63 -3.01 -10.33 -16.10
C LYS A 63 -2.09 -9.89 -17.23
N TYR A 64 -1.21 -8.92 -17.00
CA TYR A 64 -0.38 -8.40 -18.08
C TYR A 64 1.11 -8.68 -17.93
N GLY A 65 1.59 -8.99 -16.73
CA GLY A 65 3.01 -9.15 -16.53
C GLY A 65 3.51 -10.43 -17.15
N LYS A 66 4.80 -10.43 -17.52
CA LYS A 66 5.42 -11.55 -18.18
C LYS A 66 6.62 -12.12 -17.45
N ASP A 67 7.02 -11.53 -16.33
CA ASP A 67 8.18 -12.05 -15.61
C ASP A 67 7.73 -13.00 -14.52
N PRO A 68 8.26 -14.24 -14.48
CA PRO A 68 7.76 -15.21 -13.49
C PRO A 68 8.08 -14.83 -12.06
N GLU A 69 9.19 -14.14 -11.82
CA GLU A 69 9.50 -13.72 -10.46
C GLU A 69 8.48 -12.71 -9.95
N MET A 70 8.16 -11.69 -10.75
CA MET A 70 7.14 -10.72 -10.36
C MET A 70 5.74 -11.37 -10.30
N ARG A 71 5.42 -12.22 -11.27
CA ARG A 71 4.11 -12.87 -11.26
C ARG A 71 3.89 -13.70 -10.00
N LYS A 72 4.91 -14.43 -9.56
CA LYS A 72 4.73 -15.22 -8.33
C LYS A 72 4.62 -14.31 -7.10
N LEU A 73 5.42 -13.25 -7.06
CA LEU A 73 5.30 -12.27 -5.98
C LEU A 73 3.88 -11.69 -5.93
N ALA A 74 3.27 -11.48 -7.09
CA ALA A 74 1.91 -10.92 -7.11
C ALA A 74 0.89 -11.90 -6.56
N GLN A 75 1.07 -13.19 -6.82
CA GLN A 75 0.16 -14.20 -6.28
C GLN A 75 0.28 -14.28 -4.76
N ASP A 76 1.50 -14.25 -4.24
CA ASP A 76 1.69 -14.27 -2.79
C ASP A 76 1.02 -13.07 -2.16
N ILE A 77 1.07 -11.92 -2.82
CA ILE A 77 0.48 -10.70 -2.28
C ILE A 77 -1.03 -10.85 -2.17
N ILE A 78 -1.67 -11.39 -3.21
CA ILE A 78 -3.13 -11.51 -3.21
C ILE A 78 -3.60 -12.32 -2.00
N LYS A 79 -2.89 -13.41 -1.68
CA LYS A 79 -3.27 -14.24 -0.54
C LYS A 79 -3.00 -13.52 0.78
N ALA A 80 -1.88 -12.81 0.87
CA ALA A 80 -1.46 -12.22 2.14
C ALA A 80 -2.32 -11.02 2.54
N GLN A 81 -2.74 -10.20 1.59
CA GLN A 81 -3.41 -8.95 1.96
C GLN A 81 -4.87 -9.14 2.36
N LYS A 82 -5.41 -10.36 2.31
CA LYS A 82 -6.80 -10.57 2.66
C LYS A 82 -7.03 -10.76 4.15
N GLY A 83 -6.13 -11.47 4.84
CA GLY A 83 -6.33 -11.71 6.26
C GLY A 83 -6.18 -10.47 7.11
N GLU A 84 -5.42 -9.48 6.62
CA GLU A 84 -5.26 -8.25 7.38
C GLU A 84 -6.43 -7.30 7.18
N ILE A 85 -7.06 -7.34 6.01
CA ILE A 85 -8.27 -6.55 5.80
C ILE A 85 -9.40 -7.05 6.69
N GLU A 86 -9.45 -8.37 6.93
CA GLU A 86 -10.52 -8.96 7.73
C GLU A 86 -10.62 -8.33 9.12
N GLN A 87 -9.55 -8.45 9.92
CA GLN A 87 -9.60 -7.93 11.28
C GLN A 87 -9.82 -6.42 11.31
N MET A 88 -9.34 -5.73 10.28
CA MET A 88 -9.39 -4.27 10.24
C MET A 88 -10.81 -3.77 10.02
N ASN A 89 -11.55 -4.42 9.13
CA ASN A 89 -12.95 -4.05 8.90
C ASN A 89 -13.76 -4.16 10.19
N LYS A 90 -13.50 -5.21 10.98
CA LYS A 90 -14.16 -5.38 12.26
C LYS A 90 -13.87 -4.23 13.20
N TRP A 91 -12.59 -3.85 13.31
CA TRP A 91 -12.20 -2.77 14.21
C TRP A 91 -12.93 -1.48 13.88
N LEU A 92 -13.07 -1.17 12.59
CA LEU A 92 -13.79 0.04 12.19
C LEU A 92 -15.27 -0.10 12.44
N ASP A 93 -15.83 -1.30 12.23
CA ASP A 93 -17.26 -1.49 12.41
C ASP A 93 -17.68 -1.55 13.88
N SER A 94 -16.72 -1.74 14.79
CA SER A 94 -17.02 -1.82 16.21
C SER A 94 -16.52 -0.59 16.96
N HIS A 95 -16.36 0.52 16.25
CA HIS A 95 -15.89 1.78 16.82
C HIS A 95 -16.67 2.97 16.30
N LYS A 96 -17.34 2.84 15.15
CA LYS A 96 -18.25 3.85 14.64
C LYS A 96 -19.26 3.19 13.70
N SER B 12 -5.46 19.11 9.33
CA SER B 12 -4.74 20.18 10.02
C SER B 12 -4.13 19.68 11.33
N SER B 13 -4.68 18.59 11.87
CA SER B 13 -4.09 17.99 13.05
C SER B 13 -2.69 17.46 12.71
N ALA B 14 -1.90 17.23 13.75
CA ALA B 14 -0.53 16.77 13.53
C ALA B 14 -0.51 15.36 12.95
N SER B 15 -1.41 14.50 13.43
CA SER B 15 -1.45 13.13 12.92
C SER B 15 -1.94 13.10 11.47
N SER B 16 -3.02 13.83 11.17
CA SER B 16 -3.49 13.92 9.79
C SER B 16 -2.42 14.50 8.88
N GLN B 17 -1.68 15.49 9.36
CA GLN B 17 -0.63 16.07 8.52
C GLN B 17 0.49 15.08 8.25
N GLU B 18 0.79 14.21 9.21
CA GLU B 18 1.83 13.23 8.95
C GLU B 18 1.33 12.09 8.06
N TYR B 19 0.06 11.71 8.19
CA TYR B 19 -0.53 10.77 7.23
C TYR B 19 -0.51 11.34 5.82
N MET B 20 -0.83 12.62 5.65
CA MET B 20 -0.85 13.19 4.30
C MET B 20 0.55 13.24 3.71
N ALA B 21 1.56 13.50 4.54
CA ALA B 21 2.94 13.51 4.05
C ALA B 21 3.36 12.15 3.50
N GLY B 22 2.95 11.06 4.16
CA GLY B 22 3.24 9.75 3.63
C GLY B 22 2.43 9.45 2.38
N MET B 23 1.17 9.87 2.37
CA MET B 23 0.33 9.68 1.18
C MET B 23 0.90 10.45 -0.01
N LYS B 24 1.29 11.71 0.22
CA LYS B 24 1.96 12.47 -0.82
C LYS B 24 3.12 11.67 -1.41
N ASN B 25 3.99 11.14 -0.54
CA ASN B 25 5.12 10.35 -0.98
C ASN B 25 4.70 9.12 -1.79
N MET B 26 3.72 8.36 -1.28
CA MET B 26 3.31 7.15 -1.99
C MET B 26 2.65 7.49 -3.32
N HIS B 27 1.84 8.55 -3.37
CA HIS B 27 1.16 8.90 -4.60
C HIS B 27 2.15 9.24 -5.71
N GLU B 28 3.17 10.04 -5.42
CA GLU B 28 4.12 10.41 -6.47
C GLU B 28 4.81 9.18 -7.06
N LYS B 29 5.34 8.31 -6.18
CA LYS B 29 6.00 7.11 -6.67
C LYS B 29 5.01 6.15 -7.32
N MET B 30 3.77 6.13 -6.84
CA MET B 30 2.76 5.28 -7.48
C MET B 30 2.45 5.79 -8.87
N MET B 31 2.31 7.10 -9.03
CA MET B 31 2.08 7.65 -10.35
C MET B 31 3.26 7.36 -11.27
N ALA B 32 4.49 7.45 -10.75
CA ALA B 32 5.64 7.09 -11.55
C ALA B 32 5.60 5.62 -11.95
N ALA B 33 5.12 4.76 -11.04
CA ALA B 33 5.04 3.34 -11.37
C ALA B 33 4.00 3.11 -12.46
N VAL B 34 2.84 3.78 -12.37
CA VAL B 34 1.79 3.60 -13.38
C VAL B 34 2.29 4.05 -14.76
N ASN B 35 3.21 5.01 -14.80
CA ASN B 35 3.75 5.51 -16.06
C ASN B 35 4.78 4.57 -16.68
N GLU B 36 5.07 3.44 -16.05
CA GLU B 36 6.00 2.48 -16.63
C GLU B 36 5.29 1.68 -17.72
N SER B 37 5.89 1.63 -18.90
CA SER B 37 5.28 0.86 -19.98
C SER B 37 5.42 -0.63 -19.73
N ASN B 38 6.53 -1.07 -19.17
CA ASN B 38 6.70 -2.47 -18.82
C ASN B 38 5.84 -2.80 -17.61
N PRO B 39 4.80 -3.63 -17.76
CA PRO B 39 3.90 -3.89 -16.62
C PRO B 39 4.59 -4.58 -15.45
N ASP B 40 5.65 -5.33 -15.70
CA ASP B 40 6.39 -5.96 -14.61
C ASP B 40 7.20 -4.93 -13.83
N LYS B 41 7.79 -3.95 -14.53
CA LYS B 41 8.49 -2.88 -13.83
C LYS B 41 7.52 -1.95 -13.11
N ALA B 42 6.33 -1.74 -13.69
CA ALA B 42 5.29 -0.98 -12.98
C ALA B 42 4.90 -1.68 -11.68
N PHE B 43 4.73 -3.01 -11.72
CA PHE B 43 4.39 -3.74 -10.50
C PHE B 43 5.50 -3.62 -9.45
N ALA B 44 6.75 -3.79 -9.88
CA ALA B 44 7.86 -3.71 -8.94
C ALA B 44 7.94 -2.33 -8.28
N LYS B 45 8.04 -1.27 -9.10
CA LYS B 45 7.97 0.10 -8.60
C LYS B 45 6.71 0.33 -7.78
N GLY B 46 5.57 -0.21 -8.22
CA GLY B 46 4.34 -0.02 -7.48
C GLY B 46 4.40 -0.62 -6.09
N MET B 47 4.93 -1.84 -5.96
CA MET B 47 4.95 -2.50 -4.67
C MET B 47 5.97 -1.87 -3.72
N ILE B 48 7.10 -1.41 -4.25
CA ILE B 48 8.03 -0.65 -3.42
C ILE B 48 7.33 0.59 -2.85
N ALA B 49 6.59 1.30 -3.70
CA ALA B 49 5.85 2.47 -3.24
C ALA B 49 4.80 2.07 -2.20
N HIS B 50 4.13 0.94 -2.41
CA HIS B 50 3.20 0.44 -1.37
C HIS B 50 3.98 0.13 -0.06
N HIS B 51 5.10 -0.54 -0.12
CA HIS B 51 5.77 -0.89 1.13
C HIS B 51 6.23 0.35 1.88
N GLU B 52 6.80 1.32 1.16
CA GLU B 52 7.21 2.58 1.79
C GLU B 52 6.01 3.36 2.30
N GLY B 53 4.86 3.26 1.62
CA GLY B 53 3.66 3.91 2.13
C GLY B 53 3.12 3.25 3.37
N ALA B 54 3.18 1.92 3.43
CA ALA B 54 2.67 1.22 4.60
C ALA B 54 3.56 1.44 5.82
N ILE B 55 4.87 1.54 5.60
CA ILE B 55 5.78 1.82 6.71
C ILE B 55 5.55 3.22 7.23
N ALA B 56 5.33 4.19 6.33
CA ALA B 56 5.10 5.57 6.76
C ALA B 56 3.80 5.68 7.55
N MET B 57 2.74 5.02 7.09
CA MET B 57 1.50 5.00 7.86
C MET B 57 1.72 4.38 9.23
N ALA B 58 2.48 3.28 9.29
CA ALA B 58 2.69 2.59 10.56
C ALA B 58 3.57 3.41 11.52
N GLU B 59 4.62 4.04 10.99
CA GLU B 59 5.45 4.93 11.79
C GLU B 59 4.62 6.09 12.34
N THR B 60 3.72 6.62 11.52
CA THR B 60 2.80 7.67 11.98
C THR B 60 1.84 7.13 13.03
N GLU B 61 1.36 5.90 12.82
CA GLU B 61 0.49 5.26 13.81
C GLU B 61 1.20 4.99 15.12
N LEU B 62 2.51 4.64 15.06
CA LEU B 62 3.23 4.39 16.30
C LEU B 62 3.46 5.67 17.10
N LYS B 63 3.44 6.82 16.44
CA LYS B 63 3.70 8.10 17.09
C LYS B 63 2.44 8.72 17.69
N TYR B 64 1.29 8.59 17.00
CA TYR B 64 0.08 9.24 17.43
C TYR B 64 -1.00 8.28 17.90
N GLY B 65 -0.93 7.01 17.52
CA GLY B 65 -1.99 6.08 17.84
C GLY B 65 -2.00 5.70 19.31
N LYS B 66 -3.21 5.46 19.81
CA LYS B 66 -3.41 5.08 21.20
CA LYS B 66 -3.42 5.08 21.20
C LYS B 66 -4.00 3.69 21.37
N ASP B 67 -4.55 3.10 20.33
CA ASP B 67 -5.11 1.76 20.40
C ASP B 67 -3.99 0.73 20.37
N PRO B 68 -3.97 -0.23 21.31
CA PRO B 68 -2.86 -1.18 21.34
C PRO B 68 -2.83 -2.16 20.17
N GLU B 69 -4.00 -2.55 19.63
CA GLU B 69 -4.05 -3.48 18.50
C GLU B 69 -3.44 -2.88 17.24
N MET B 70 -3.82 -1.65 16.90
CA MET B 70 -3.28 -1.01 15.70
C MET B 70 -1.79 -0.78 15.83
N ARG B 71 -1.34 -0.34 17.00
CA ARG B 71 0.09 -0.14 17.22
C ARG B 71 0.85 -1.45 17.04
N LYS B 72 0.28 -2.56 17.51
CA LYS B 72 0.91 -3.85 17.29
C LYS B 72 0.89 -4.23 15.81
N LEU B 73 -0.24 -4.01 15.15
CA LEU B 73 -0.31 -4.22 13.71
C LEU B 73 0.71 -3.35 12.97
N ALA B 74 0.88 -2.10 13.42
CA ALA B 74 1.84 -1.22 12.78
C ALA B 74 3.27 -1.69 13.01
N GLN B 75 3.56 -2.24 14.19
CA GLN B 75 4.88 -2.81 14.41
C GLN B 75 5.10 -4.04 13.54
N ASP B 76 4.06 -4.88 13.39
CA ASP B 76 4.18 -6.03 12.51
C ASP B 76 4.50 -5.59 11.09
N ILE B 77 3.94 -4.47 10.66
CA ILE B 77 4.18 -3.97 9.32
C ILE B 77 5.65 -3.57 9.14
N ILE B 78 6.20 -2.84 10.11
CA ILE B 78 7.59 -2.42 10.00
C ILE B 78 8.52 -3.63 9.93
N LYS B 79 8.26 -4.65 10.76
CA LYS B 79 9.12 -5.83 10.76
C LYS B 79 8.94 -6.67 9.50
N ALA B 80 7.69 -6.88 9.07
CA ALA B 80 7.43 -7.78 7.97
C ALA B 80 7.83 -7.16 6.63
N GLN B 81 7.56 -5.88 6.45
CA GLN B 81 7.77 -5.20 5.17
C GLN B 81 9.22 -4.76 4.96
N LYS B 82 10.15 -5.11 5.85
CA LYS B 82 11.52 -4.64 5.71
C LYS B 82 12.31 -5.47 4.70
N GLY B 83 12.21 -6.80 4.79
CA GLY B 83 12.91 -7.68 3.86
C GLY B 83 12.33 -7.73 2.47
N GLU B 84 11.06 -7.35 2.31
CA GLU B 84 10.34 -7.53 1.06
C GLU B 84 10.70 -6.50 0.00
N ILE B 85 11.12 -5.29 0.39
CA ILE B 85 11.61 -4.32 -0.59
C ILE B 85 12.90 -4.80 -1.23
N GLU B 86 13.74 -5.51 -0.47
CA GLU B 86 15.05 -5.96 -0.96
C GLU B 86 14.91 -6.72 -2.27
N GLN B 87 14.10 -7.78 -2.25
CA GLN B 87 13.90 -8.61 -3.43
C GLN B 87 13.38 -7.80 -4.61
N MET B 88 12.66 -6.70 -4.35
CA MET B 88 12.13 -5.88 -5.44
C MET B 88 13.23 -5.04 -6.09
N ASN B 89 14.05 -4.37 -5.28
CA ASN B 89 15.16 -3.61 -5.83
C ASN B 89 16.14 -4.52 -6.57
N LYS B 90 16.38 -5.72 -6.05
CA LYS B 90 17.24 -6.67 -6.73
C LYS B 90 16.69 -6.99 -8.11
N TRP B 91 15.38 -7.24 -8.20
CA TRP B 91 14.77 -7.49 -9.50
C TRP B 91 14.92 -6.28 -10.43
N LEU B 92 14.69 -5.08 -9.90
CA LEU B 92 14.75 -3.89 -10.76
C LEU B 92 16.17 -3.59 -11.21
N ASP B 93 17.15 -3.76 -10.31
CA ASP B 93 18.52 -3.40 -10.63
C ASP B 93 19.18 -4.36 -11.61
N SER B 94 18.58 -5.53 -11.84
CA SER B 94 19.10 -6.49 -12.79
C SER B 94 18.20 -6.65 -14.02
N HIS B 95 17.38 -5.64 -14.34
CA HIS B 95 16.48 -5.74 -15.48
C HIS B 95 16.44 -4.44 -16.27
N LYS B 96 16.15 -4.57 -17.55
CA LYS B 96 15.90 -3.43 -18.44
C LYS B 96 15.03 -3.88 -19.61
CU CU C . -4.46 13.69 -4.94
CU CU D . -6.82 15.05 -0.78
CU CU E . -2.09 7.84 -15.57
CU CU F . -1.96 5.59 3.64
CU CU G . -2.69 12.65 -8.02
CU CU H . -0.44 11.34 -12.07
CU CU I . -3.38 17.37 3.00
CU CU J . -0.17 0.64 -6.62
#